data_8ANT
#
_entry.id   8ANT
#
_cell.length_a   37.150
_cell.length_b   50.828
_cell.length_c   55.804
_cell.angle_alpha   90.000
_cell.angle_beta   101.960
_cell.angle_gamma   90.000
#
_symmetry.space_group_name_H-M   'P 1 21 1'
#
loop_
_entity.id
_entity.type
_entity.pdbx_description
1 polymer 'YopN, Phi3T_93'
2 water water
#
_entity_poly.entity_id   1
_entity_poly.type   'polypeptide(L)'
_entity_poly.pdbx_seq_one_letter_code
;MHHHHHHSSGVDLGTENLYFQSMTNNKYYTEENKKKVWKKHMIVLKFLEQPGISEAYLNYLQEEIHNDEWIGFENEFFEE
LTGKPVINVGDKIKATKQYSAVH
;
_entity_poly.pdbx_strand_id   A,B
#
# COMPACT_ATOMS: atom_id res chain seq x y z
N ASP A 12 -6.28 -9.79 -15.75
CA ASP A 12 -6.41 -10.20 -17.18
C ASP A 12 -6.64 -8.99 -18.07
N LEU A 13 -6.44 -9.18 -19.38
CA LEU A 13 -6.41 -8.04 -20.32
C LEU A 13 -7.74 -7.28 -20.39
N GLY A 14 -7.66 -5.97 -20.42
CA GLY A 14 -8.81 -5.13 -20.62
C GLY A 14 -9.67 -4.86 -19.39
N THR A 15 -9.31 -5.40 -18.23
CA THR A 15 -10.10 -5.16 -17.02
C THR A 15 -9.64 -3.83 -16.41
N GLU A 16 -10.58 -3.06 -15.87
CA GLU A 16 -10.21 -1.89 -15.03
C GLU A 16 -10.28 -2.31 -13.57
N ASN A 17 -9.40 -1.73 -12.79
CA ASN A 17 -9.31 -2.01 -11.37
C ASN A 17 -10.32 -1.09 -10.66
N LEU A 18 -11.53 -1.59 -10.50
CA LEU A 18 -12.59 -0.83 -9.83
C LEU A 18 -12.16 -0.42 -8.43
N TYR A 19 -11.40 -1.26 -7.72
CA TYR A 19 -11.01 -0.92 -6.35
C TYR A 19 -10.14 0.33 -6.33
N PHE A 20 -9.19 0.40 -7.28
CA PHE A 20 -8.34 1.60 -7.47
C PHE A 20 -9.15 2.82 -7.81
N GLN A 21 -10.09 2.69 -8.76
CA GLN A 21 -10.91 3.83 -9.20
CA GLN A 21 -10.91 3.83 -9.20
C GLN A 21 -11.74 4.42 -8.04
N SER A 22 -12.26 3.58 -7.17
CA SER A 22 -12.88 4.09 -5.93
C SER A 22 -11.97 5.04 -5.18
N MET A 23 -10.68 4.76 -5.13
CA MET A 23 -9.79 5.60 -4.30
C MET A 23 -9.50 6.95 -4.89
N THR A 24 -9.85 7.16 -6.16
CA THR A 24 -9.74 8.48 -6.79
C THR A 24 -10.85 9.48 -6.40
N ASN A 25 -11.96 9.00 -5.84
CA ASN A 25 -13.15 9.82 -5.58
C ASN A 25 -13.21 10.24 -4.08
N ASN A 26 -13.10 11.54 -3.85
CA ASN A 26 -13.05 12.15 -2.54
C ASN A 26 -14.28 11.83 -1.71
N LYS A 27 -15.39 11.46 -2.36
CA LYS A 27 -16.57 10.95 -1.67
C LYS A 27 -16.25 9.79 -0.71
N TYR A 28 -15.30 8.94 -1.09
CA TYR A 28 -14.92 7.80 -0.23
C TYR A 28 -13.76 8.05 0.71
N TYR A 29 -13.25 9.27 0.74
CA TYR A 29 -12.13 9.62 1.60
C TYR A 29 -12.69 9.90 3.02
N THR A 30 -13.21 8.87 3.65
CA THR A 30 -13.86 8.98 4.95
C THR A 30 -12.91 8.48 5.99
N GLU A 31 -13.21 8.74 7.27
CA GLU A 31 -12.31 8.28 8.35
C GLU A 31 -12.23 6.76 8.46
N GLU A 32 -13.33 6.05 8.19
CA GLU A 32 -13.28 4.59 8.10
C GLU A 32 -12.31 4.08 7.01
N ASN A 33 -12.37 4.65 5.83
CA ASN A 33 -11.55 4.15 4.75
C ASN A 33 -10.08 4.58 4.94
N LYS A 34 -9.82 5.72 5.57
CA LYS A 34 -8.43 6.19 5.74
C LYS A 34 -7.74 5.25 6.69
N LYS A 35 -8.49 4.77 7.72
CA LYS A 35 -7.91 3.82 8.66
C LYS A 35 -7.65 2.45 8.05
N LYS A 36 -8.58 1.97 7.26
CA LYS A 36 -8.48 0.73 6.51
C LYS A 36 -7.27 0.73 5.52
N VAL A 37 -7.10 1.84 4.81
CA VAL A 37 -6.00 1.99 3.88
C VAL A 37 -4.66 2.05 4.61
N TRP A 38 -4.61 2.74 5.71
CA TRP A 38 -3.39 2.82 6.52
C TRP A 38 -2.97 1.45 6.97
N LYS A 39 -3.89 0.66 7.47
CA LYS A 39 -3.55 -0.67 7.89
C LYS A 39 -3.19 -1.64 6.76
N LYS A 40 -3.94 -1.61 5.65
CA LYS A 40 -3.58 -2.39 4.46
C LYS A 40 -2.28 -1.91 3.85
N HIS A 41 -1.94 -0.66 4.01
CA HIS A 41 -0.61 -0.23 3.60
C HIS A 41 0.48 -0.83 4.46
N MET A 42 0.27 -0.90 5.76
CA MET A 42 1.25 -1.53 6.66
C MET A 42 1.46 -2.98 6.30
N ILE A 43 0.36 -3.66 5.98
CA ILE A 43 0.45 -5.02 5.49
C ILE A 43 1.29 -5.14 4.26
N VAL A 44 1.08 -4.30 3.24
CA VAL A 44 1.85 -4.38 1.99
CA VAL A 44 1.86 -4.39 2.00
C VAL A 44 3.30 -4.01 2.25
N LEU A 45 3.55 -3.03 3.11
CA LEU A 45 4.93 -2.67 3.42
C LEU A 45 5.78 -3.87 3.86
N LYS A 46 5.19 -4.81 4.59
CA LYS A 46 5.98 -5.96 5.02
C LYS A 46 6.22 -6.91 3.85
N PHE A 47 5.25 -7.03 2.94
CA PHE A 47 5.48 -7.76 1.72
C PHE A 47 6.64 -7.20 0.86
N LEU A 48 6.72 -5.89 0.80
CA LEU A 48 7.77 -5.25 0.01
C LEU A 48 9.19 -5.48 0.59
N GLU A 49 9.30 -5.84 1.86
CA GLU A 49 10.57 -6.25 2.45
C GLU A 49 11.05 -7.62 2.00
N GLN A 50 10.20 -8.38 1.33
CA GLN A 50 10.53 -9.74 0.96
C GLN A 50 11.65 -9.74 -0.09
N PRO A 51 12.57 -10.72 0.00
CA PRO A 51 13.62 -10.81 -1.04
C PRO A 51 13.01 -10.83 -2.45
N GLY A 52 13.55 -10.05 -3.37
CA GLY A 52 13.04 -10.02 -4.74
C GLY A 52 12.03 -8.89 -4.97
N ILE A 53 11.14 -8.65 -4.00
CA ILE A 53 9.98 -7.80 -4.27
C ILE A 53 10.38 -6.36 -4.27
N SER A 54 11.25 -6.02 -3.33
CA SER A 54 11.77 -4.68 -3.19
C SER A 54 12.42 -4.16 -4.47
N GLU A 55 13.12 -5.06 -5.16
CA GLU A 55 13.89 -4.73 -6.35
C GLU A 55 12.91 -4.58 -7.51
N ALA A 56 11.92 -5.44 -7.57
CA ALA A 56 10.88 -5.32 -8.60
C ALA A 56 10.03 -4.06 -8.42
N TYR A 57 9.76 -3.68 -7.18
CA TYR A 57 9.01 -2.47 -6.89
C TYR A 57 9.77 -1.21 -7.39
N LEU A 58 11.03 -1.12 -7.04
CA LEU A 58 11.85 -0.01 -7.52
C LEU A 58 11.92 0.09 -9.06
N ASN A 59 12.07 -1.05 -9.73
CA ASN A 59 12.03 -1.11 -11.19
CA ASN A 59 12.02 -1.12 -11.19
C ASN A 59 10.71 -0.58 -11.72
N TYR A 60 9.60 -0.97 -11.05
CA TYR A 60 8.29 -0.45 -11.39
C TYR A 60 8.25 1.07 -11.22
N LEU A 61 8.74 1.54 -10.11
CA LEU A 61 8.71 3.00 -9.85
C LEU A 61 9.47 3.79 -10.91
N GLN A 62 10.62 3.27 -11.31
CA GLN A 62 11.44 3.96 -12.34
C GLN A 62 10.74 4.13 -13.64
N GLU A 63 9.86 3.22 -14.01
CA GLU A 63 9.07 3.35 -15.22
C GLU A 63 7.89 4.25 -14.96
N GLU A 64 7.23 4.02 -13.85
CA GLU A 64 5.96 4.68 -13.59
C GLU A 64 6.06 6.19 -13.38
N ILE A 65 7.19 6.68 -12.92
CA ILE A 65 7.33 8.14 -12.75
C ILE A 65 7.19 8.92 -14.05
N HIS A 66 7.48 8.29 -15.18
CA HIS A 66 7.21 8.89 -16.49
C HIS A 66 5.76 8.86 -16.93
N ASN A 67 4.88 8.19 -16.18
CA ASN A 67 3.52 8.01 -16.60
C ASN A 67 2.69 9.19 -16.12
N ASP A 68 2.32 9.99 -17.10
CA ASP A 68 1.59 11.23 -16.85
CA ASP A 68 1.54 11.22 -16.95
C ASP A 68 0.16 11.03 -16.33
N GLU A 69 -0.31 9.78 -16.30
CA GLU A 69 -1.58 9.50 -15.61
C GLU A 69 -1.53 9.79 -14.07
N TRP A 70 -0.34 9.77 -13.48
CA TRP A 70 -0.12 10.03 -12.04
C TRP A 70 0.09 11.50 -11.70
N ILE A 71 -0.72 12.32 -12.27
CA ILE A 71 -0.67 13.74 -11.99
C ILE A 71 -1.31 13.98 -10.61
N GLY A 72 -0.65 14.81 -9.84
CA GLY A 72 -0.96 15.05 -8.45
C GLY A 72 -0.22 14.12 -7.48
N PHE A 73 0.55 13.13 -7.98
CA PHE A 73 1.28 12.18 -7.11
C PHE A 73 2.81 12.42 -7.04
N GLU A 74 3.23 13.57 -7.50
CA GLU A 74 4.65 13.81 -7.73
C GLU A 74 5.47 13.65 -6.46
N ASN A 75 5.03 14.26 -5.35
CA ASN A 75 5.80 14.15 -4.10
C ASN A 75 5.86 12.75 -3.60
N GLU A 76 4.75 12.00 -3.69
CA GLU A 76 4.75 10.63 -3.19
C GLU A 76 5.61 9.69 -4.02
N PHE A 77 5.60 9.85 -5.31
CA PHE A 77 6.46 9.05 -6.16
C PHE A 77 7.91 9.31 -5.88
N PHE A 78 8.25 10.58 -5.72
CA PHE A 78 9.66 10.95 -5.49
C PHE A 78 10.15 10.30 -4.20
N GLU A 79 9.34 10.41 -3.19
CA GLU A 79 9.62 9.78 -1.90
C GLU A 79 9.79 8.25 -2.00
N GLU A 80 8.92 7.57 -2.75
CA GLU A 80 9.03 6.10 -2.88
C GLU A 80 10.24 5.79 -3.69
N LEU A 81 10.41 6.50 -4.80
CA LEU A 81 11.59 6.28 -5.65
C LEU A 81 12.88 6.47 -4.89
N THR A 82 12.98 7.41 -3.97
CA THR A 82 14.24 7.70 -3.24
C THR A 82 14.35 7.07 -1.86
N GLY A 83 13.40 6.23 -1.48
CA GLY A 83 13.47 5.53 -0.18
C GLY A 83 13.24 6.44 1.00
N LYS A 84 12.46 7.50 0.81
CA LYS A 84 12.10 8.41 1.91
C LYS A 84 11.03 7.76 2.84
N PRO A 85 10.90 8.26 4.08
CA PRO A 85 9.93 7.71 5.03
C PRO A 85 8.54 7.69 4.46
N VAL A 86 7.81 6.66 4.80
CA VAL A 86 6.44 6.54 4.34
C VAL A 86 5.59 7.67 4.85
N ILE A 87 5.74 7.95 6.14
CA ILE A 87 5.09 9.08 6.68
C ILE A 87 6.12 10.11 7.24
N ASN A 88 5.64 11.32 7.46
CA ASN A 88 6.40 12.40 8.14
C ASN A 88 6.24 12.33 9.66
N VAL A 89 7.36 12.18 10.37
CA VAL A 89 7.35 12.16 11.85
C VAL A 89 7.68 13.52 12.54
N GLY A 90 7.88 14.58 11.78
CA GLY A 90 7.69 15.95 12.29
C GLY A 90 8.99 16.45 12.85
N ASP B 12 18.20 -6.74 4.90
CA ASP B 12 19.22 -7.70 5.43
C ASP B 12 19.19 -7.77 6.96
N LEU B 13 19.85 -8.80 7.49
CA LEU B 13 19.53 -9.33 8.82
C LEU B 13 19.62 -8.32 9.96
N GLY B 14 18.62 -8.35 10.83
CA GLY B 14 18.69 -7.65 12.09
C GLY B 14 18.21 -6.23 12.04
N THR B 15 17.95 -5.69 10.85
CA THR B 15 17.43 -4.32 10.75
C THR B 15 15.91 -4.42 10.90
N GLU B 16 15.31 -3.45 11.60
CA GLU B 16 13.86 -3.27 11.60
C GLU B 16 13.54 -2.19 10.58
N ASN B 17 12.31 -2.24 10.09
CA ASN B 17 11.76 -1.24 9.22
C ASN B 17 11.26 -0.08 10.08
N LEU B 18 12.13 0.90 10.28
CA LEU B 18 11.79 2.08 11.07
C LEU B 18 10.58 2.82 10.48
N TYR B 19 10.43 2.81 9.15
CA TYR B 19 9.30 3.49 8.52
C TYR B 19 7.98 2.86 8.95
N PHE B 20 7.95 1.53 8.97
CA PHE B 20 6.80 0.73 9.48
C PHE B 20 6.49 1.04 10.94
N GLN B 21 7.52 1.06 11.79
CA GLN B 21 7.33 1.31 13.23
C GLN B 21 6.70 2.69 13.50
N SER B 22 7.10 3.70 12.73
CA SER B 22 6.41 4.99 12.80
C SER B 22 4.91 4.85 12.62
N MET B 23 4.46 3.97 11.72
CA MET B 23 3.04 3.91 11.41
C MET B 23 2.20 3.28 12.53
N THR B 24 2.85 2.65 13.49
CA THR B 24 2.17 2.10 14.67
C THR B 24 1.80 3.14 15.75
N ASN B 25 2.37 4.34 15.69
CA ASN B 25 2.19 5.36 16.73
C ASN B 25 1.13 6.40 16.32
N ASN B 26 0.04 6.44 17.08
CA ASN B 26 -1.13 7.29 16.81
C ASN B 26 -0.77 8.75 16.79
N LYS B 27 0.35 9.13 17.43
CA LYS B 27 0.90 10.47 17.33
C LYS B 27 1.07 10.94 15.89
N TYR B 28 1.44 10.03 15.00
CA TYR B 28 1.65 10.36 13.60
C TYR B 28 0.44 10.16 12.69
N TYR B 29 -0.69 9.76 13.26
CA TYR B 29 -1.90 9.53 12.51
C TYR B 29 -2.57 10.89 12.24
N THR B 30 -1.92 11.73 11.47
CA THR B 30 -2.36 13.09 11.22
C THR B 30 -2.97 13.15 9.85
N GLU B 31 -3.66 14.24 9.52
CA GLU B 31 -4.27 14.35 8.19
C GLU B 31 -3.26 14.41 7.05
N GLU B 32 -2.11 15.06 7.27
CA GLU B 32 -1.02 15.02 6.31
C GLU B 32 -0.55 13.57 6.01
N ASN B 33 -0.32 12.78 7.04
CA ASN B 33 0.22 11.45 6.81
C ASN B 33 -0.86 10.51 6.23
N LYS B 34 -2.12 10.71 6.58
CA LYS B 34 -3.21 9.80 6.10
C LYS B 34 -3.33 9.99 4.62
N LYS B 35 -3.17 11.25 4.15
CA LYS B 35 -3.24 11.52 2.71
C LYS B 35 -2.08 10.95 1.95
N LYS B 36 -0.87 11.13 2.48
CA LYS B 36 0.34 10.56 1.95
C LYS B 36 0.29 9.00 1.82
N VAL B 37 -0.22 8.36 2.85
CA VAL B 37 -0.36 6.92 2.85
C VAL B 37 -1.39 6.43 1.83
N TRP B 38 -2.49 7.12 1.74
CA TRP B 38 -3.54 6.79 0.78
C TRP B 38 -2.95 6.84 -0.65
N LYS B 39 -2.23 7.88 -0.97
CA LYS B 39 -1.65 7.97 -2.29
C LYS B 39 -0.53 6.99 -2.58
N LYS B 40 0.37 6.71 -1.60
CA LYS B 40 1.37 5.68 -1.74
C LYS B 40 0.74 4.32 -1.82
N HIS B 41 -0.41 4.12 -1.17
CA HIS B 41 -1.11 2.89 -1.36
C HIS B 41 -1.62 2.72 -2.80
N MET B 42 -2.12 3.78 -3.38
CA MET B 42 -2.61 3.71 -4.79
C MET B 42 -1.50 3.40 -5.73
N ILE B 43 -0.32 4.00 -5.49
CA ILE B 43 0.87 3.65 -6.24
C ILE B 43 1.18 2.15 -6.15
N VAL B 44 1.21 1.57 -4.94
CA VAL B 44 1.54 0.17 -4.79
CA VAL B 44 1.55 0.19 -4.84
C VAL B 44 0.44 -0.72 -5.37
N LEU B 45 -0.82 -0.33 -5.24
CA LEU B 45 -1.88 -1.10 -5.84
C LEU B 45 -1.66 -1.38 -7.35
N LYS B 46 -1.12 -0.41 -8.06
CA LYS B 46 -0.91 -0.63 -9.48
C LYS B 46 0.27 -1.57 -9.70
N PHE B 47 1.27 -1.50 -8.84
CA PHE B 47 2.34 -2.50 -8.85
C PHE B 47 1.87 -3.92 -8.65
N LEU B 48 0.92 -4.10 -7.75
CA LEU B 48 0.41 -5.43 -7.45
C LEU B 48 -0.38 -6.04 -8.64
N GLU B 49 -0.82 -5.23 -9.59
CA GLU B 49 -1.42 -5.72 -10.82
C GLU B 49 -0.42 -6.32 -11.81
N GLN B 50 0.87 -6.13 -11.56
CA GLN B 50 1.89 -6.57 -12.50
C GLN B 50 1.92 -8.12 -12.52
N PRO B 51 2.15 -8.70 -13.71
CA PRO B 51 2.30 -10.16 -13.78
C PRO B 51 3.33 -10.68 -12.77
N GLY B 52 3.01 -11.73 -12.05
CA GLY B 52 3.93 -12.29 -11.05
C GLY B 52 3.66 -11.78 -9.67
N ILE B 53 3.39 -10.48 -9.53
CA ILE B 53 3.43 -9.85 -8.21
C ILE B 53 2.19 -10.20 -7.42
N SER B 54 1.07 -10.22 -8.14
CA SER B 54 -0.22 -10.55 -7.58
C SER B 54 -0.23 -11.92 -6.88
N GLU B 55 0.47 -12.87 -7.52
CA GLU B 55 0.51 -14.24 -7.06
C GLU B 55 1.44 -14.32 -5.85
N ALA B 56 2.55 -13.59 -5.91
CA ALA B 56 3.45 -13.53 -4.77
C ALA B 56 2.83 -12.87 -3.55
N TYR B 57 2.04 -11.81 -3.79
CA TYR B 57 1.37 -11.14 -2.68
C TYR B 57 0.41 -12.10 -1.92
N LEU B 58 -0.45 -12.76 -2.70
CA LEU B 58 -1.35 -13.73 -2.09
C LEU B 58 -0.66 -14.84 -1.28
N ASN B 59 0.43 -15.37 -1.83
CA ASN B 59 1.27 -16.36 -1.13
C ASN B 59 1.78 -15.78 0.20
N TYR B 60 2.24 -14.52 0.14
CA TYR B 60 2.63 -13.82 1.36
C TYR B 60 1.47 -13.74 2.40
N LEU B 61 0.32 -13.33 1.90
CA LEU B 61 -0.84 -13.18 2.81
C LEU B 61 -1.20 -14.52 3.52
N GLN B 62 -1.14 -15.60 2.77
CA GLN B 62 -1.46 -16.92 3.32
C GLN B 62 -0.58 -17.33 4.49
N GLU B 63 0.68 -16.91 4.48
CA GLU B 63 1.55 -17.15 5.64
C GLU B 63 1.26 -16.14 6.73
N GLU B 64 1.18 -14.90 6.32
CA GLU B 64 1.16 -13.82 7.30
C GLU B 64 -0.07 -13.76 8.21
N ILE B 65 -1.19 -14.27 7.72
CA ILE B 65 -2.39 -14.28 8.57
C ILE B 65 -2.22 -15.11 9.85
N HIS B 66 -1.34 -16.09 9.86
CA HIS B 66 -1.01 -16.83 11.09
C HIS B 66 -0.05 -16.12 12.00
N ASN B 67 0.48 -14.95 11.60
CA ASN B 67 1.44 -14.26 12.42
C ASN B 67 0.71 -13.38 13.44
N ASP B 68 0.81 -13.84 14.67
CA ASP B 68 0.15 -13.25 15.82
CA ASP B 68 0.14 -13.23 15.81
C ASP B 68 0.59 -11.82 16.12
N GLU B 69 1.69 -11.38 15.52
CA GLU B 69 2.13 -10.00 15.69
C GLU B 69 1.12 -8.97 15.10
N TRP B 70 0.31 -9.39 14.13
CA TRP B 70 -0.68 -8.54 13.46
C TRP B 70 -2.04 -8.48 14.17
N ILE B 71 -1.98 -8.29 15.47
CA ILE B 71 -3.17 -8.21 16.25
C ILE B 71 -3.76 -6.81 16.07
N GLY B 72 -5.07 -6.78 15.90
CA GLY B 72 -5.81 -5.61 15.54
C GLY B 72 -6.00 -5.44 14.02
N PHE B 73 -5.36 -6.30 13.19
CA PHE B 73 -5.45 -6.20 11.73
C PHE B 73 -6.34 -7.29 11.06
N GLU B 74 -7.12 -7.95 11.87
CA GLU B 74 -7.84 -9.16 11.40
C GLU B 74 -8.74 -8.88 10.24
N ASN B 75 -9.55 -7.83 10.31
CA ASN B 75 -10.50 -7.52 9.24
C ASN B 75 -9.76 -7.16 7.97
N GLU B 76 -8.66 -6.40 8.07
CA GLU B 76 -7.96 -5.98 6.87
C GLU B 76 -7.24 -7.14 6.19
N PHE B 77 -6.66 -8.02 6.96
CA PHE B 77 -6.05 -9.17 6.39
C PHE B 77 -7.04 -10.04 5.67
N PHE B 78 -8.19 -10.25 6.29
CA PHE B 78 -9.21 -11.14 5.71
C PHE B 78 -9.64 -10.59 4.36
N GLU B 79 -9.89 -9.29 4.34
CA GLU B 79 -10.23 -8.58 3.11
C GLU B 79 -9.16 -8.73 2.00
N GLU B 80 -7.89 -8.59 2.37
CA GLU B 80 -6.81 -8.71 1.35
C GLU B 80 -6.71 -10.13 0.92
N LEU B 81 -6.71 -11.03 1.90
CA LEU B 81 -6.63 -12.46 1.57
C LEU B 81 -7.76 -12.89 0.60
N THR B 82 -8.97 -12.37 0.76
CA THR B 82 -10.12 -12.81 -0.03
C THR B 82 -10.47 -11.91 -1.23
N GLY B 83 -9.61 -10.93 -1.52
CA GLY B 83 -9.82 -10.10 -2.71
C GLY B 83 -10.98 -9.14 -2.58
N LYS B 84 -11.29 -8.72 -1.35
CA LYS B 84 -12.36 -7.75 -1.10
C LYS B 84 -11.86 -6.31 -1.48
N PRO B 85 -12.80 -5.37 -1.67
CA PRO B 85 -12.44 -3.99 -2.03
C PRO B 85 -11.49 -3.37 -1.04
N VAL B 86 -10.59 -2.58 -1.58
CA VAL B 86 -9.64 -1.89 -0.71
C VAL B 86 -10.33 -0.98 0.25
N ILE B 87 -11.27 -0.22 -0.27
CA ILE B 87 -12.06 0.62 0.58
C ILE B 87 -13.55 0.23 0.48
N ASN B 88 -14.33 0.77 1.41
CA ASN B 88 -15.80 0.55 1.44
C ASN B 88 -16.49 1.68 0.67
N VAL B 89 -17.24 1.32 -0.38
CA VAL B 89 -17.90 2.35 -1.25
C VAL B 89 -19.40 2.39 -0.97
N GLY B 90 -19.82 1.92 0.20
CA GLY B 90 -21.28 1.86 0.47
C GLY B 90 -22.07 1.29 -0.69
N ASP B 91 -23.00 2.06 -1.27
CA ASP B 91 -23.90 1.54 -2.34
C ASP B 91 -23.64 0.05 -2.56
#